data_4MZH
#
_entry.id   4MZH
#
_cell.length_a   122.985
_cell.length_b   41.315
_cell.length_c   50.461
_cell.angle_alpha   90.00
_cell.angle_beta   90.00
_cell.angle_gamma   90.00
#
_symmetry.space_group_name_H-M   'P 21 21 2'
#
loop_
_entity.id
_entity.type
_entity.pdbx_description
1 polymer Spindlin-1
2 polymer 'Peptide from Histone H3.2'
3 non-polymer 'MAGNESIUM ION'
4 water water
#
loop_
_entity_poly.entity_id
_entity_poly.type
_entity_poly.pdbx_seq_one_letter_code
_entity_poly.pdbx_strand_id
1 'polypeptide(L)'
;GSSHHHHHHGSRRNIVGCRIQHGWKEGNGPVTQWKGTVLDQVPVNPSLYLIKYDGFDCVYGLELNKDERVSALEVLPDRV
ATSRISDAHLADTMIGKAVEHMFETEDGSKDEWRGMVLARAPVMNTWFYITYEKDPVLYMYQLLDDYKEGDLRIMPDSND
SPPAEREPGEVVDSLVGKQVEYAKEDGSKRTGMVIHQVEAKPSVYFIKFDDDFHIYVYDLVKTS
;
A
2 'polypeptide(L)' ART(M3L)QTA(2MR)K B
#
# COMPACT_ATOMS: atom_id res chain seq x y z
N SER A 2 20.67 6.96 3.57
CA SER A 2 21.75 6.42 2.73
C SER A 2 23.05 7.19 2.89
N SER A 3 23.91 6.72 3.79
CA SER A 3 25.21 7.34 4.01
C SER A 3 26.32 6.55 3.32
N HIS A 4 27.15 7.24 2.55
CA HIS A 4 28.30 6.60 1.95
C HIS A 4 29.31 6.23 3.03
N HIS A 5 29.08 5.12 3.71
CA HIS A 5 30.16 4.55 4.49
C HIS A 5 31.15 4.06 3.45
N HIS A 6 32.26 4.81 3.38
CA HIS A 6 32.83 5.33 2.14
C HIS A 6 33.09 4.49 0.89
N HIS A 7 33.28 5.20 -0.22
CA HIS A 7 33.66 4.65 -1.52
C HIS A 7 32.54 3.84 -2.17
N HIS A 8 32.76 2.54 -2.34
CA HIS A 8 31.79 1.67 -3.00
C HIS A 8 30.57 1.30 -2.13
N HIS A 9 30.59 1.69 -0.86
CA HIS A 9 29.55 1.26 0.06
C HIS A 9 28.64 2.40 0.51
N GLY A 10 27.37 2.08 0.68
CA GLY A 10 26.41 2.97 1.32
C GLY A 10 25.60 2.20 2.33
N SER A 11 25.54 2.72 3.56
CA SER A 11 24.74 2.09 4.60
C SER A 11 23.38 2.76 4.75
N ARG A 12 22.48 2.08 5.45
CA ARG A 12 21.07 2.44 5.42
C ARG A 12 20.37 1.87 6.65
N ARG A 13 19.66 2.74 7.36
CA ARG A 13 18.90 2.33 8.52
C ARG A 13 17.75 1.42 8.11
N ASN A 14 17.34 0.53 9.02
CA ASN A 14 16.18 -0.31 8.80
C ASN A 14 14.95 0.46 9.27
N ILE A 15 14.12 0.90 8.32
CA ILE A 15 12.99 1.76 8.66
C ILE A 15 11.65 1.06 8.57
N VAL A 16 11.65 -0.23 8.24
CA VAL A 16 10.40 -0.97 8.22
C VAL A 16 9.79 -0.94 9.61
N GLY A 17 8.54 -0.51 9.70
CA GLY A 17 7.86 -0.39 10.98
C GLY A 17 7.96 0.99 11.58
N CYS A 18 8.74 1.87 10.97
CA CYS A 18 8.93 3.21 11.52
C CYS A 18 7.93 4.22 10.96
N ARG A 19 7.66 5.25 11.76
CA ARG A 19 6.96 6.42 11.26
C ARG A 19 8.01 7.29 10.60
N ILE A 20 7.65 7.87 9.45
CA ILE A 20 8.54 8.81 8.78
C ILE A 20 7.81 10.09 8.42
N GLN A 21 8.57 11.14 8.20
CA GLN A 21 8.03 12.31 7.56
C GLN A 21 9.09 12.89 6.63
N HIS A 22 8.62 13.52 5.57
CA HIS A 22 9.53 14.06 4.59
C HIS A 22 8.80 15.04 3.71
N GLY A 23 9.57 15.84 2.97
CA GLY A 23 9.00 16.74 2.01
C GLY A 23 8.91 16.07 0.66
N TRP A 24 8.04 16.58 -0.19
CA TRP A 24 7.84 16.01 -1.50
C TRP A 24 7.75 17.15 -2.50
N LYS A 25 8.54 17.09 -3.57
CA LYS A 25 8.52 18.11 -4.59
C LYS A 25 8.42 17.49 -5.97
N GLU A 26 7.35 17.84 -6.70
CA GLU A 26 7.14 17.29 -8.02
C GLU A 26 7.21 18.39 -9.07
N GLY A 27 8.29 18.40 -9.84
CA GLY A 27 8.49 19.42 -10.85
C GLY A 27 8.73 20.78 -10.25
N ASN A 28 7.94 21.75 -10.69
CA ASN A 28 8.07 23.13 -10.22
C ASN A 28 6.90 23.49 -9.30
N GLY A 29 6.59 22.59 -8.37
CA GLY A 29 5.56 22.84 -7.39
C GLY A 29 6.22 23.16 -6.06
N PRO A 30 5.42 23.48 -5.04
CA PRO A 30 5.94 23.70 -3.70
C PRO A 30 6.28 22.36 -3.07
N VAL A 31 7.08 22.39 -2.02
CA VAL A 31 7.33 21.20 -1.24
C VAL A 31 6.09 20.93 -0.40
N THR A 32 5.58 19.72 -0.46
CA THR A 32 4.47 19.35 0.41
C THR A 32 4.98 18.41 1.50
N GLN A 33 4.28 18.39 2.63
CA GLN A 33 4.74 17.64 3.79
C GLN A 33 3.96 16.35 3.94
N TRP A 34 4.68 15.24 4.09
CA TRP A 34 4.06 13.93 4.19
C TRP A 34 4.52 13.21 5.44
N LYS A 35 3.59 12.52 6.08
CA LYS A 35 3.89 11.74 7.26
C LYS A 35 3.25 10.36 7.08
N GLY A 36 4.04 9.31 7.24
CA GLY A 36 3.55 7.96 7.00
C GLY A 36 4.20 6.86 7.81
N THR A 37 3.67 5.65 7.62
CA THR A 37 4.20 4.45 8.27
C THR A 37 4.80 3.53 7.21
N VAL A 38 6.08 3.19 7.36
CA VAL A 38 6.72 2.26 6.42
C VAL A 38 6.26 0.85 6.72
N LEU A 39 5.68 0.19 5.72
CA LEU A 39 5.04 -1.10 5.94
C LEU A 39 5.95 -2.26 5.64
N ASP A 40 6.81 -2.08 4.64
CA ASP A 40 7.61 -3.17 4.13
C ASP A 40 8.69 -2.66 3.19
N GLN A 41 9.69 -3.51 2.97
CA GLN A 41 10.76 -3.24 2.02
C GLN A 41 10.73 -4.39 1.02
N VAL A 42 10.60 -4.08 -0.26
CA VAL A 42 10.45 -5.11 -1.28
C VAL A 42 11.72 -5.93 -1.47
N PRO A 43 11.62 -7.25 -1.31
CA PRO A 43 12.76 -8.18 -1.48
C PRO A 43 13.44 -8.05 -2.85
N VAL A 44 12.68 -8.06 -3.94
CA VAL A 44 13.28 -7.99 -5.27
C VAL A 44 13.79 -6.59 -5.64
N ASN A 45 13.50 -5.61 -4.80
CA ASN A 45 14.03 -4.26 -4.99
C ASN A 45 14.09 -3.51 -3.67
N PRO A 46 15.11 -3.81 -2.85
CA PRO A 46 15.21 -3.34 -1.46
C PRO A 46 15.35 -1.83 -1.26
N SER A 47 15.46 -1.07 -2.34
CA SER A 47 15.39 0.38 -2.18
C SER A 47 13.93 0.84 -2.28
N LEU A 48 13.06 -0.07 -2.70
CA LEU A 48 11.63 0.23 -2.79
C LEU A 48 10.90 -0.11 -1.50
N TYR A 49 10.24 0.88 -0.92
CA TYR A 49 9.45 0.68 0.28
C TYR A 49 7.96 0.83 -0.02
N LEU A 50 7.15 0.12 0.75
CA LEU A 50 5.70 0.32 0.71
C LEU A 50 5.33 1.16 1.91
N ILE A 51 4.54 2.21 1.67
CA ILE A 51 4.27 3.20 2.72
C ILE A 51 2.78 3.52 2.82
N LYS A 52 2.28 3.56 4.06
CA LYS A 52 0.93 4.05 4.30
C LYS A 52 1.04 5.47 4.83
N TYR A 53 0.56 6.44 4.04
CA TYR A 53 0.60 7.85 4.44
C TYR A 53 -0.66 8.23 5.19
N ASP A 54 -0.50 9.04 6.22
CA ASP A 54 -1.64 9.55 6.98
C ASP A 54 -2.52 10.35 6.03
N GLY A 55 -3.81 10.01 5.98
CA GLY A 55 -4.76 10.74 5.17
C GLY A 55 -4.88 10.29 3.72
N PHE A 56 -4.25 9.17 3.39
CA PHE A 56 -4.37 8.61 2.04
C PHE A 56 -4.64 7.12 2.14
N ASP A 57 -5.69 6.67 1.46
CA ASP A 57 -6.15 5.28 1.56
C ASP A 57 -5.29 4.28 0.79
N CYS A 58 -4.65 4.74 -0.29
CA CYS A 58 -3.82 3.85 -1.11
C CYS A 58 -2.45 3.66 -0.49
N VAL A 59 -1.89 2.47 -0.68
CA VAL A 59 -0.50 2.22 -0.31
C VAL A 59 0.39 2.70 -1.45
N TYR A 60 1.48 3.37 -1.10
CA TYR A 60 2.40 3.89 -2.11
C TYR A 60 3.75 3.18 -2.10
N GLY A 61 4.31 2.99 -3.29
CA GLY A 61 5.64 2.45 -3.42
C GLY A 61 6.61 3.57 -3.78
N LEU A 62 7.61 3.77 -2.93
CA LEU A 62 8.61 4.84 -3.13
C LEU A 62 10.02 4.42 -2.76
N GLU A 63 10.97 4.78 -3.59
CA GLU A 63 12.38 4.61 -3.26
C GLU A 63 12.83 5.77 -2.38
N LEU A 64 12.53 5.67 -1.09
CA LEU A 64 12.68 6.78 -0.15
C LEU A 64 14.07 7.39 -0.07
N ASN A 65 15.10 6.56 -0.22
CA ASN A 65 16.48 7.05 -0.09
C ASN A 65 17.05 7.54 -1.41
N LYS A 66 16.43 7.13 -2.52
CA LYS A 66 16.99 7.40 -3.83
C LYS A 66 16.18 8.40 -4.67
N ASP A 67 14.91 8.60 -4.31
CA ASP A 67 14.05 9.47 -5.11
C ASP A 67 14.33 10.93 -4.79
N GLU A 68 14.77 11.66 -5.81
CA GLU A 68 15.15 13.08 -5.68
C GLU A 68 13.98 13.97 -5.25
N ARG A 69 12.76 13.49 -5.46
CA ARG A 69 11.57 14.25 -5.11
C ARG A 69 11.36 14.26 -3.59
N VAL A 70 12.11 13.42 -2.88
CA VAL A 70 12.01 13.35 -1.42
C VAL A 70 13.08 14.22 -0.79
N SER A 71 12.70 15.01 0.20
CA SER A 71 13.64 15.87 0.90
C SER A 71 13.36 15.85 2.38
N ALA A 72 14.41 16.10 3.18
CA ALA A 72 14.30 16.17 4.63
C ALA A 72 13.64 14.91 5.21
N LEU A 73 14.03 13.76 4.68
CA LEU A 73 13.53 12.49 5.20
C LEU A 73 13.97 12.29 6.64
N GLU A 74 13.00 12.28 7.54
CA GLU A 74 13.27 12.02 8.95
C GLU A 74 12.52 10.78 9.36
N VAL A 75 13.19 9.85 10.02
CA VAL A 75 12.46 8.77 10.67
C VAL A 75 12.22 9.17 12.11
N LEU A 76 10.97 9.02 12.55
CA LEU A 76 10.52 9.57 13.81
C LEU A 76 10.69 8.57 14.96
N PRO A 77 10.66 9.06 16.20
CA PRO A 77 10.81 8.15 17.34
C PRO A 77 9.48 7.46 17.67
N ASP A 78 8.39 7.96 17.10
CA ASP A 78 7.07 7.41 17.37
C ASP A 78 7.02 5.93 17.00
N ARG A 79 6.56 5.11 17.93
CA ARG A 79 6.37 3.71 17.63
C ARG A 79 4.90 3.40 17.47
N VAL A 80 4.56 2.68 16.40
CA VAL A 80 3.19 2.29 16.16
C VAL A 80 2.71 1.37 17.29
N ALA A 81 1.57 1.73 17.88
CA ALA A 81 1.08 1.05 19.06
C ALA A 81 0.78 -0.42 18.78
N THR A 82 1.25 -1.28 19.68
CA THR A 82 0.94 -2.71 19.62
C THR A 82 -0.55 -2.90 19.83
N SER A 83 -1.24 -3.29 18.76
CA SER A 83 -2.66 -3.55 18.82
C SER A 83 -2.92 -5.04 18.62
N ARG A 84 -3.85 -5.58 19.39
CA ARG A 84 -4.34 -6.93 19.11
C ARG A 84 -5.65 -6.78 18.34
N ILE A 85 -5.82 -7.61 17.32
CA ILE A 85 -7.01 -7.52 16.49
C ILE A 85 -8.25 -7.93 17.31
N SER A 86 -9.30 -7.14 17.22
CA SER A 86 -10.49 -7.33 18.06
C SER A 86 -11.17 -8.68 17.89
N ASP A 87 -11.39 -9.09 16.64
CA ASP A 87 -11.91 -10.42 16.36
C ASP A 87 -10.96 -11.15 15.42
N ALA A 88 -10.03 -11.91 16.00
CA ALA A 88 -8.99 -12.58 15.23
C ALA A 88 -9.53 -13.62 14.26
N HIS A 89 -10.58 -14.32 14.65
CA HIS A 89 -11.17 -15.35 13.80
C HIS A 89 -11.69 -14.74 12.51
N LEU A 90 -12.47 -13.68 12.65
CA LEU A 90 -13.01 -12.99 11.49
C LEU A 90 -11.87 -12.48 10.62
N ALA A 91 -10.87 -11.89 11.27
CA ALA A 91 -9.73 -11.32 10.57
C ALA A 91 -9.05 -12.37 9.69
N ASP A 92 -8.73 -13.52 10.28
CA ASP A 92 -8.05 -14.59 9.56
C ASP A 92 -8.87 -15.17 8.42
N THR A 93 -10.15 -15.43 8.68
CA THR A 93 -11.01 -16.03 7.65
C THR A 93 -11.38 -15.04 6.55
N MET A 94 -11.17 -13.75 6.80
CA MET A 94 -11.51 -12.71 5.84
C MET A 94 -10.49 -12.67 4.70
N ILE A 95 -9.28 -13.16 4.97
CA ILE A 95 -8.18 -13.08 4.02
C ILE A 95 -8.44 -13.95 2.79
N GLY A 96 -8.25 -13.36 1.62
CA GLY A 96 -8.40 -14.08 0.37
C GLY A 96 -9.84 -14.12 -0.13
N LYS A 97 -10.74 -13.54 0.65
CA LYS A 97 -12.16 -13.58 0.31
C LYS A 97 -12.58 -12.37 -0.52
N ALA A 98 -13.52 -12.59 -1.45
CA ALA A 98 -14.15 -11.49 -2.16
C ALA A 98 -15.12 -10.81 -1.21
N VAL A 99 -15.27 -9.49 -1.35
CA VAL A 99 -16.11 -8.74 -0.43
C VAL A 99 -16.93 -7.67 -1.15
N GLU A 100 -18.00 -7.23 -0.49
CA GLU A 100 -18.76 -6.08 -0.94
C GLU A 100 -18.57 -4.97 0.09
N HIS A 101 -17.88 -3.91 -0.31
CA HIS A 101 -17.46 -2.84 0.59
C HIS A 101 -18.25 -1.56 0.29
N MET A 102 -19.05 -1.14 1.26
CA MET A 102 -19.94 -0.01 1.07
C MET A 102 -19.29 1.33 1.40
N PHE A 103 -19.37 2.27 0.46
CA PHE A 103 -18.85 3.63 0.64
C PHE A 103 -19.97 4.65 0.43
N GLU A 104 -19.91 5.75 1.17
CA GLU A 104 -20.86 6.84 0.98
C GLU A 104 -20.31 7.87 0.01
N THR A 105 -21.17 8.40 -0.86
CA THR A 105 -20.82 9.59 -1.64
C THR A 105 -21.55 10.78 -1.03
N GLU A 106 -21.50 11.92 -1.68
CA GLU A 106 -22.08 13.15 -1.10
C GLU A 106 -23.57 13.09 -0.76
N ASP A 107 -23.86 13.50 0.48
CA ASP A 107 -25.12 13.26 1.16
C ASP A 107 -25.73 11.85 1.03
N GLY A 108 -24.89 10.85 1.30
CA GLY A 108 -25.34 9.53 1.67
C GLY A 108 -25.96 8.60 0.65
N SER A 109 -25.65 8.77 -0.63
CA SER A 109 -26.11 7.78 -1.60
C SER A 109 -25.18 6.56 -1.53
N LYS A 110 -25.77 5.37 -1.58
CA LYS A 110 -25.01 4.15 -1.41
C LYS A 110 -24.15 3.83 -2.63
N ASP A 111 -22.89 3.51 -2.38
CA ASP A 111 -21.97 3.08 -3.43
C ASP A 111 -21.21 1.83 -2.97
N GLU A 112 -21.62 0.67 -3.47
CA GLU A 112 -21.02 -0.60 -3.05
C GLU A 112 -19.95 -1.04 -4.05
N TRP A 113 -18.74 -1.26 -3.54
CA TRP A 113 -17.62 -1.66 -4.38
C TRP A 113 -17.27 -3.12 -4.15
N ARG A 114 -17.13 -3.88 -5.23
CA ARG A 114 -16.64 -5.24 -5.12
C ARG A 114 -15.13 -5.25 -4.92
N GLY A 115 -14.66 -6.07 -3.99
CA GLY A 115 -13.24 -6.09 -3.70
C GLY A 115 -12.75 -7.45 -3.28
N MET A 116 -11.49 -7.50 -2.88
CA MET A 116 -10.90 -8.70 -2.34
C MET A 116 -9.93 -8.34 -1.23
N VAL A 117 -10.15 -8.92 -0.06
CA VAL A 117 -9.22 -8.73 1.06
C VAL A 117 -8.01 -9.59 0.78
N LEU A 118 -6.83 -9.01 0.83
CA LEU A 118 -5.63 -9.68 0.35
C LEU A 118 -4.79 -10.25 1.49
N ALA A 119 -4.70 -9.49 2.57
CA ALA A 119 -3.85 -9.86 3.68
C ALA A 119 -4.09 -8.94 4.86
N ARG A 120 -3.60 -9.35 6.01
CA ARG A 120 -3.42 -8.45 7.15
C ARG A 120 -2.23 -7.56 6.82
N ALA A 121 -2.36 -6.25 7.03
CA ALA A 121 -1.23 -5.37 6.79
C ALA A 121 -0.09 -5.65 7.77
N PRO A 122 1.15 -5.51 7.30
CA PRO A 122 2.32 -5.54 8.20
C PRO A 122 2.34 -4.28 9.04
N VAL A 123 2.93 -4.36 10.23
CA VAL A 123 3.16 -3.19 11.10
C VAL A 123 1.89 -2.65 11.74
N MET A 124 0.93 -2.25 10.92
CA MET A 124 -0.34 -1.76 11.41
C MET A 124 -1.33 -2.91 11.47
N ASN A 125 -1.21 -3.69 12.55
CA ASN A 125 -1.93 -4.94 12.78
C ASN A 125 -3.42 -4.98 12.49
N THR A 126 -4.11 -3.90 12.82
CA THR A 126 -5.56 -3.89 12.73
C THR A 126 -6.06 -3.44 11.35
N TRP A 127 -5.13 -3.32 10.40
CA TRP A 127 -5.49 -2.86 9.07
C TRP A 127 -5.37 -4.00 8.07
N PHE A 128 -6.09 -3.88 6.97
CA PHE A 128 -6.08 -4.91 5.94
C PHE A 128 -5.72 -4.36 4.56
N TYR A 129 -4.91 -5.13 3.83
CA TYR A 129 -4.68 -4.89 2.41
C TYR A 129 -5.94 -5.27 1.64
N ILE A 130 -6.41 -4.38 0.78
CA ILE A 130 -7.59 -4.67 -0.02
C ILE A 130 -7.50 -3.98 -1.38
N THR A 131 -8.00 -4.65 -2.42
CA THR A 131 -8.13 -4.01 -3.72
C THR A 131 -9.53 -4.21 -4.29
N TYR A 132 -9.84 -3.52 -5.39
CA TYR A 132 -11.20 -3.50 -5.92
C TYR A 132 -11.23 -3.75 -7.42
N GLU A 133 -12.28 -4.40 -7.88
CA GLU A 133 -12.43 -4.74 -9.29
C GLU A 133 -12.38 -3.52 -10.19
N LYS A 134 -13.05 -2.45 -9.78
CA LYS A 134 -13.10 -1.23 -10.58
C LYS A 134 -11.99 -0.24 -10.18
N ASP A 135 -11.09 -0.67 -9.32
CA ASP A 135 -9.93 0.15 -8.93
C ASP A 135 -8.85 -0.77 -8.39
N PRO A 136 -8.10 -1.41 -9.30
CA PRO A 136 -7.17 -2.47 -8.94
C PRO A 136 -5.84 -1.94 -8.38
N VAL A 137 -5.89 -0.99 -7.45
CA VAL A 137 -4.68 -0.64 -6.71
C VAL A 137 -4.79 -1.08 -5.26
N LEU A 138 -3.67 -1.00 -4.54
CA LEU A 138 -3.61 -1.50 -3.17
C LEU A 138 -4.13 -0.44 -2.20
N TYR A 139 -5.18 -0.80 -1.47
CA TYR A 139 -5.76 0.06 -0.44
C TYR A 139 -5.51 -0.53 0.92
N MET A 140 -5.71 0.28 1.95
CA MET A 140 -5.54 -0.17 3.33
C MET A 140 -6.64 0.44 4.20
N TYR A 141 -7.34 -0.43 4.93
CA TYR A 141 -8.42 0.01 5.81
C TYR A 141 -8.53 -0.88 7.04
N GLN A 142 -9.12 -0.33 8.10
CA GLN A 142 -9.50 -1.11 9.27
C GLN A 142 -10.88 -1.73 9.02
N LEU A 143 -10.89 -2.87 8.34
CA LEU A 143 -12.11 -3.46 7.82
C LEU A 143 -13.06 -4.01 8.89
N LEU A 144 -12.52 -4.42 10.04
CA LEU A 144 -13.38 -4.92 11.13
C LEU A 144 -14.34 -3.84 11.61
N ASP A 145 -13.95 -2.58 11.49
CA ASP A 145 -14.86 -1.49 11.79
C ASP A 145 -15.99 -1.45 10.77
N ASP A 146 -15.63 -1.55 9.50
CA ASP A 146 -16.61 -1.55 8.43
C ASP A 146 -17.56 -2.73 8.61
N TYR A 147 -17.00 -3.88 8.96
CA TYR A 147 -17.80 -5.08 9.14
C TYR A 147 -18.83 -4.92 10.25
N LYS A 148 -18.37 -4.47 11.42
CA LYS A 148 -19.24 -4.26 12.57
C LYS A 148 -20.35 -3.24 12.29
N GLU A 149 -20.08 -2.28 11.41
CA GLU A 149 -21.08 -1.29 11.04
C GLU A 149 -21.96 -1.79 9.89
N GLY A 150 -21.72 -3.02 9.46
CA GLY A 150 -22.50 -3.63 8.39
C GLY A 150 -22.13 -3.16 7.00
N ASP A 151 -20.99 -2.50 6.87
CA ASP A 151 -20.58 -1.92 5.58
C ASP A 151 -19.69 -2.86 4.77
N LEU A 152 -19.47 -4.05 5.28
CA LEU A 152 -18.61 -5.02 4.61
C LEU A 152 -19.24 -6.40 4.64
N ARG A 153 -19.56 -6.92 3.46
CA ARG A 153 -20.13 -8.25 3.34
C ARG A 153 -19.12 -9.19 2.71
N ILE A 154 -18.87 -10.32 3.36
CA ILE A 154 -17.91 -11.30 2.89
C ILE A 154 -18.63 -12.39 2.07
N MET A 155 -17.99 -12.84 1.00
CA MET A 155 -18.61 -13.84 0.14
C MET A 155 -17.74 -15.07 -0.06
N SER A 174 6.30 -18.83 -9.04
CA SER A 174 6.10 -17.43 -8.67
C SER A 174 6.60 -16.47 -9.74
N LEU A 175 5.77 -15.50 -10.08
CA LEU A 175 6.11 -14.51 -11.11
C LEU A 175 6.85 -13.30 -10.54
N VAL A 176 7.18 -13.34 -9.26
CA VAL A 176 7.86 -12.21 -8.62
C VAL A 176 9.26 -12.03 -9.21
N GLY A 177 9.53 -10.82 -9.68
CA GLY A 177 10.81 -10.52 -10.32
C GLY A 177 10.63 -10.23 -11.80
N LYS A 178 9.59 -10.81 -12.40
CA LYS A 178 9.32 -10.61 -13.81
C LYS A 178 8.90 -9.17 -14.09
N GLN A 179 9.11 -8.73 -15.33
CA GLN A 179 8.64 -7.42 -15.76
C GLN A 179 7.28 -7.59 -16.43
N VAL A 180 6.51 -6.51 -16.48
CA VAL A 180 5.24 -6.52 -17.20
C VAL A 180 5.14 -5.29 -18.08
N GLU A 181 4.34 -5.40 -19.14
CA GLU A 181 4.01 -4.25 -19.96
C GLU A 181 2.49 -4.17 -20.14
N TYR A 182 1.98 -2.95 -20.16
CA TYR A 182 0.54 -2.72 -20.14
C TYR A 182 0.16 -1.65 -21.17
N ALA A 183 -0.82 -1.97 -22.02
CA ALA A 183 -1.24 -1.06 -23.07
C ALA A 183 -2.36 -0.13 -22.63
N LYS A 184 -2.12 1.18 -22.74
CA LYS A 184 -3.10 2.19 -22.35
C LYS A 184 -3.77 2.80 -23.57
N GLY A 187 -2.69 4.69 -26.40
CA GLY A 187 -1.65 4.42 -27.38
C GLY A 187 -0.27 4.45 -26.75
N SER A 188 -0.18 3.97 -25.52
CA SER A 188 1.08 3.99 -24.78
C SER A 188 1.44 2.61 -24.27
N LYS A 189 2.61 2.53 -23.64
CA LYS A 189 3.04 1.32 -22.95
C LYS A 189 3.65 1.71 -21.61
N ARG A 190 3.06 1.21 -20.53
CA ARG A 190 3.70 1.35 -19.23
C ARG A 190 4.36 0.03 -18.88
N THR A 191 5.63 0.10 -18.51
CA THR A 191 6.35 -1.09 -18.08
C THR A 191 6.42 -1.10 -16.55
N GLY A 192 6.49 -2.29 -15.97
CA GLY A 192 6.51 -2.40 -14.52
C GLY A 192 7.13 -3.70 -14.06
N MET A 193 7.17 -3.90 -12.75
CA MET A 193 7.76 -5.11 -12.19
C MET A 193 6.82 -5.77 -11.19
N VAL A 194 6.80 -7.09 -11.20
CA VAL A 194 6.03 -7.86 -10.22
C VAL A 194 6.84 -7.93 -8.92
N ILE A 195 6.30 -7.36 -7.85
CA ILE A 195 7.08 -7.20 -6.64
C ILE A 195 6.64 -8.08 -5.47
N HIS A 196 5.47 -8.69 -5.59
CA HIS A 196 4.95 -9.47 -4.47
C HIS A 196 3.87 -10.44 -4.89
N GLN A 197 3.86 -11.61 -4.26
CA GLN A 197 2.81 -12.59 -4.48
C GLN A 197 1.92 -12.66 -3.24
N VAL A 198 0.61 -12.59 -3.45
CA VAL A 198 -0.32 -12.66 -2.33
C VAL A 198 -0.42 -14.10 -1.83
N GLU A 199 -0.05 -14.31 -0.56
CA GLU A 199 0.05 -15.65 0.01
C GLU A 199 -1.31 -16.36 0.08
N ALA A 200 -2.37 -15.60 0.30
CA ALA A 200 -3.70 -16.18 0.41
C ALA A 200 -4.28 -16.57 -0.93
N LYS A 201 -3.80 -15.94 -2.00
CA LYS A 201 -4.24 -16.27 -3.35
C LYS A 201 -3.09 -16.08 -4.35
N PRO A 202 -2.24 -17.11 -4.46
CA PRO A 202 -0.93 -17.09 -5.13
C PRO A 202 -0.94 -16.63 -6.59
N SER A 203 -2.09 -16.56 -7.23
CA SER A 203 -2.15 -16.08 -8.61
C SER A 203 -2.38 -14.57 -8.66
N VAL A 204 -2.50 -13.95 -7.49
CA VAL A 204 -2.64 -12.51 -7.40
C VAL A 204 -1.31 -11.88 -7.00
N TYR A 205 -0.91 -10.85 -7.73
CA TYR A 205 0.38 -10.23 -7.51
C TYR A 205 0.29 -8.71 -7.34
N PHE A 206 1.30 -8.13 -6.68
CA PHE A 206 1.47 -6.68 -6.63
C PHE A 206 2.40 -6.25 -7.75
N ILE A 207 2.02 -5.20 -8.46
CA ILE A 207 2.85 -4.67 -9.53
C ILE A 207 3.16 -3.19 -9.33
N LYS A 208 4.44 -2.84 -9.48
CA LYS A 208 4.89 -1.46 -9.40
C LYS A 208 5.30 -1.00 -10.80
N PHE A 209 4.57 -0.03 -11.36
CA PHE A 209 4.92 0.53 -12.65
C PHE A 209 5.88 1.70 -12.49
N ASP A 210 6.75 1.88 -13.48
CA ASP A 210 7.66 3.01 -13.48
C ASP A 210 6.86 4.31 -13.62
N ASP A 211 7.28 5.32 -12.86
CA ASP A 211 6.60 6.63 -12.87
C ASP A 211 5.14 6.57 -12.42
N ASP A 212 4.81 5.59 -11.60
CA ASP A 212 3.54 5.56 -10.89
C ASP A 212 3.86 5.03 -9.50
N PHE A 213 3.40 5.71 -8.46
CA PHE A 213 3.75 5.27 -7.10
C PHE A 213 2.64 4.47 -6.43
N HIS A 214 1.57 4.17 -7.18
CA HIS A 214 0.55 3.26 -6.69
C HIS A 214 1.04 1.83 -6.83
N ILE A 215 0.52 0.94 -6.00
CA ILE A 215 0.80 -0.47 -6.15
C ILE A 215 -0.42 -1.10 -6.81
N TYR A 216 -0.22 -1.66 -8.00
CA TYR A 216 -1.33 -2.26 -8.73
C TYR A 216 -1.46 -3.73 -8.37
N VAL A 217 -2.69 -4.23 -8.38
CA VAL A 217 -2.97 -5.59 -7.93
C VAL A 217 -3.72 -6.34 -9.01
N TYR A 218 -3.12 -7.39 -9.54
CA TYR A 218 -3.73 -8.14 -10.63
C TYR A 218 -3.58 -9.65 -10.46
N ASP A 219 -4.56 -10.39 -10.95
CA ASP A 219 -4.41 -11.84 -11.08
C ASP A 219 -3.69 -12.10 -12.39
N LEU A 220 -2.58 -12.83 -12.32
CA LEU A 220 -1.76 -13.05 -13.51
C LEU A 220 -1.83 -14.49 -14.01
N VAL A 221 -2.94 -15.17 -13.76
CA VAL A 221 -3.10 -16.58 -14.10
C VAL A 221 -2.98 -16.85 -15.60
N ALA B 1 -21.09 4.86 6.33
CA ALA B 1 -19.99 4.27 5.58
C ALA B 1 -18.91 5.28 5.25
N ARG B 2 -17.74 4.78 4.83
CA ARG B 2 -16.63 5.65 4.45
C ARG B 2 -16.96 6.45 3.20
N THR B 3 -16.17 7.50 2.97
CA THR B 3 -16.29 8.30 1.76
C THR B 3 -15.07 8.00 0.88
N GLN B 5 -12.04 8.92 -1.46
CA GLN B 5 -11.14 10.00 -1.83
C GLN B 5 -10.88 9.96 -3.33
N THR B 6 -9.78 10.58 -3.74
CA THR B 6 -9.37 10.54 -5.14
C THR B 6 -7.84 10.48 -5.27
N ALA B 7 -7.38 9.89 -6.37
CA ALA B 7 -5.96 9.63 -6.61
C ALA B 7 -5.13 10.91 -6.63
#